data_6CXW
#
_entry.id   6CXW
#
_cell.length_a   27.143
_cell.length_b   45.105
_cell.length_c   89.278
_cell.angle_alpha   90.000
_cell.angle_beta   90.000
_cell.angle_gamma   90.000
#
_symmetry.space_group_name_H-M   'P 21 21 21'
#
loop_
_entity.id
_entity.type
_entity.pdbx_description
1 polymer 'Synaptotagmin 1 C2A beta4 chimera'
2 water water
#
_entity_poly.entity_id   1
_entity_poly.type   'polypeptide(L)'
_entity_poly.pdbx_seq_one_letter_code
;EKLGKLQYSLDYDFQNNQLLVGIIQAAELPALDMGGTSDPYVKIHLMQNGKRLKKKKTTIKKNTLNPVFNEQFTFKVPYS
ELGGKTLVMAVYDFDRFSKHDIIGEFKVPMNTVDFGHVTEEWRDLQSA
;
_entity_poly.pdbx_strand_id   A
#
# COMPACT_ATOMS: atom_id res chain seq x y z
N LYS A 2 10.29 9.80 -9.54
CA LYS A 2 10.86 8.91 -10.55
C LYS A 2 10.19 7.54 -10.53
N LEU A 3 9.72 7.10 -9.37
CA LEU A 3 9.17 5.75 -9.23
C LEU A 3 7.65 5.74 -9.05
N GLY A 4 6.99 6.88 -9.22
CA GLY A 4 5.55 6.93 -9.08
C GLY A 4 5.11 7.25 -7.67
N LYS A 5 3.80 7.20 -7.48
CA LYS A 5 3.21 7.55 -6.19
C LYS A 5 1.94 6.76 -5.97
N LEU A 6 1.58 6.60 -4.71
CA LEU A 6 0.43 5.79 -4.31
C LEU A 6 -0.47 6.62 -3.41
N GLN A 7 -1.78 6.58 -3.70
CA GLN A 7 -2.80 7.23 -2.90
C GLN A 7 -3.56 6.19 -2.09
N TYR A 8 -3.58 6.40 -0.77
CA TYR A 8 -4.16 5.47 0.20
C TYR A 8 -4.96 6.25 1.24
N SER A 9 -5.77 5.50 1.99
CA SER A 9 -6.58 6.05 3.07
C SER A 9 -6.44 5.18 4.32
N LEU A 10 -6.59 5.84 5.47
CA LEU A 10 -6.55 5.22 6.79
C LEU A 10 -7.82 5.57 7.54
N ASP A 11 -8.43 4.57 8.15
CA ASP A 11 -9.65 4.75 8.93
C ASP A 11 -9.70 3.64 9.96
N TYR A 12 -10.55 3.80 10.96
CA TYR A 12 -10.76 2.75 11.95
C TYR A 12 -12.24 2.45 12.06
N ASP A 13 -12.59 1.19 11.93
CA ASP A 13 -13.97 0.72 12.07
C ASP A 13 -14.22 0.46 13.54
N PHE A 14 -14.77 1.47 14.22
CA PHE A 14 -15.10 1.33 15.64
C PHE A 14 -16.30 0.41 15.88
N GLN A 15 -16.98 -0.01 14.82
CA GLN A 15 -18.05 -0.99 14.95
C GLN A 15 -17.53 -2.42 14.92
N ASN A 16 -16.37 -2.64 14.33
CA ASN A 16 -15.76 -3.97 14.25
C ASN A 16 -14.36 -4.03 14.86
N ASN A 17 -13.84 -2.90 15.35
CA ASN A 17 -12.50 -2.83 15.94
C ASN A 17 -11.44 -3.32 14.95
N GLN A 18 -11.38 -2.64 13.81
CA GLN A 18 -10.41 -3.01 12.80
C GLN A 18 -9.92 -1.78 12.06
N LEU A 19 -8.61 -1.72 11.85
CA LEU A 19 -8.01 -0.71 11.00
C LEU A 19 -8.41 -0.94 9.55
N LEU A 20 -8.82 0.14 8.88
CA LEU A 20 -9.24 0.11 7.49
C LEU A 20 -8.19 0.82 6.65
N VAL A 21 -7.57 0.09 5.73
CA VAL A 21 -6.57 0.62 4.82
C VAL A 21 -7.13 0.54 3.41
N GLY A 22 -7.27 1.69 2.76
CA GLY A 22 -7.76 1.76 1.41
C GLY A 22 -6.61 2.02 0.46
N ILE A 23 -6.45 1.13 -0.53
CA ILE A 23 -5.54 1.34 -1.63
C ILE A 23 -6.36 1.90 -2.79
N ILE A 24 -6.20 3.18 -3.04
CA ILE A 24 -7.05 3.89 -3.99
C ILE A 24 -6.44 3.78 -5.37
N GLN A 25 -5.22 4.27 -5.54
CA GLN A 25 -4.67 4.25 -6.89
C GLN A 25 -3.18 4.54 -6.84
N ALA A 26 -2.50 4.27 -7.94
CA ALA A 26 -1.12 4.69 -8.13
C ALA A 26 -1.02 5.46 -9.43
N ALA A 27 0.02 6.28 -9.53
CA ALA A 27 0.21 7.16 -10.67
C ALA A 27 1.68 7.26 -11.01
N GLU A 28 1.95 7.48 -12.31
CA GLU A 28 3.29 7.80 -12.79
C GLU A 28 4.30 6.70 -12.47
N LEU A 29 3.86 5.45 -12.55
CA LEU A 29 4.79 4.34 -12.35
C LEU A 29 5.75 4.25 -13.53
N PRO A 30 6.97 3.74 -13.32
CA PRO A 30 7.92 3.62 -14.42
C PRO A 30 7.62 2.43 -15.33
N ALA A 31 7.85 2.62 -16.63
CA ALA A 31 7.92 1.52 -17.58
C ALA A 31 9.37 1.06 -17.71
N LEU A 32 9.63 0.04 -18.54
CA LEU A 32 10.94 -0.63 -18.60
C LEU A 32 11.60 -0.64 -19.95
N ASP A 33 10.86 -0.36 -21.02
CA ASP A 33 11.42 -0.22 -22.36
C ASP A 33 10.60 0.81 -23.13
N MET A 34 11.29 1.50 -24.03
CA MET A 34 10.75 1.90 -25.33
C MET A 34 9.23 1.77 -25.30
N GLY A 35 8.56 2.75 -24.71
CA GLY A 35 7.14 2.70 -24.49
C GLY A 35 6.58 1.34 -24.10
N GLY A 36 6.87 0.90 -22.87
CA GLY A 36 6.25 -0.26 -22.30
C GLY A 36 5.28 0.09 -21.18
N THR A 37 4.86 -0.94 -20.46
CA THR A 37 3.99 -0.79 -19.30
C THR A 37 4.52 -1.68 -18.20
N SER A 38 3.80 -1.73 -17.08
N SER A 38 3.79 -1.72 -17.08
CA SER A 38 4.05 -2.66 -16.00
CA SER A 38 4.05 -2.64 -15.99
C SER A 38 2.73 -3.26 -15.57
C SER A 38 2.73 -3.29 -15.59
N ASP A 39 2.81 -4.22 -14.65
CA ASP A 39 1.65 -4.98 -14.17
C ASP A 39 1.56 -4.85 -12.65
N PRO A 40 1.20 -3.66 -12.16
CA PRO A 40 1.35 -3.38 -10.72
C PRO A 40 0.30 -4.04 -9.84
N TYR A 41 0.75 -4.48 -8.67
CA TYR A 41 -0.14 -4.76 -7.55
C TYR A 41 0.55 -4.23 -6.30
N VAL A 42 -0.22 -4.13 -5.20
CA VAL A 42 0.27 -3.56 -3.96
C VAL A 42 0.19 -4.62 -2.87
N LYS A 43 1.25 -4.70 -2.06
CA LYS A 43 1.28 -5.53 -0.86
C LYS A 43 1.40 -4.61 0.34
N ILE A 44 0.61 -4.89 1.37
CA ILE A 44 0.55 -4.09 2.59
C ILE A 44 0.97 -4.97 3.76
N HIS A 45 1.90 -4.48 4.57
CA HIS A 45 2.34 -5.15 5.78
C HIS A 45 2.00 -4.30 6.99
N LEU A 46 1.51 -4.94 8.04
CA LEU A 46 1.36 -4.31 9.35
C LEU A 46 2.51 -4.77 10.23
N MET A 47 3.20 -3.82 10.87
CA MET A 47 4.35 -4.11 11.71
C MET A 47 4.13 -3.55 13.10
N GLN A 48 4.71 -4.23 14.08
CA GLN A 48 4.76 -3.80 15.48
C GLN A 48 6.22 -3.54 15.79
N ASN A 49 6.59 -2.27 15.94
CA ASN A 49 7.98 -1.86 15.83
C ASN A 49 8.55 -2.35 14.50
N GLY A 50 9.44 -3.34 14.51
CA GLY A 50 9.93 -3.97 13.30
C GLY A 50 9.32 -5.33 12.97
N LYS A 51 8.48 -5.87 13.84
CA LYS A 51 8.01 -7.24 13.67
C LYS A 51 6.80 -7.26 12.74
N ARG A 52 6.94 -7.94 11.61
CA ARG A 52 5.82 -8.08 10.69
C ARG A 52 4.76 -9.00 11.29
N LEU A 53 3.49 -8.58 11.18
CA LEU A 53 2.38 -9.32 11.78
C LEU A 53 1.42 -9.86 10.75
N LYS A 54 0.91 -9.01 9.86
CA LYS A 54 -0.11 -9.38 8.89
C LYS A 54 0.24 -8.76 7.55
N LYS A 55 -0.34 -9.32 6.49
CA LYS A 55 -0.08 -8.81 5.15
C LYS A 55 -1.32 -8.99 4.28
N LYS A 56 -1.44 -8.12 3.28
CA LYS A 56 -2.52 -8.14 2.31
C LYS A 56 -1.93 -7.84 0.93
N LYS A 57 -2.66 -8.25 -0.11
CA LYS A 57 -2.30 -7.95 -1.50
C LYS A 57 -3.53 -7.51 -2.27
N THR A 58 -3.39 -6.45 -3.07
CA THR A 58 -4.43 -6.08 -4.01
C THR A 58 -4.48 -7.07 -5.18
N THR A 59 -5.52 -6.94 -5.99
CA THR A 59 -5.51 -7.55 -7.31
C THR A 59 -4.45 -6.89 -8.18
N ILE A 60 -4.16 -7.53 -9.31
CA ILE A 60 -3.16 -7.05 -10.26
C ILE A 60 -3.86 -6.26 -11.36
N LYS A 61 -3.33 -5.08 -11.67
CA LYS A 61 -3.78 -4.28 -12.81
C LYS A 61 -2.73 -4.43 -13.92
N LYS A 62 -3.10 -5.14 -14.98
CA LYS A 62 -2.13 -5.44 -16.04
C LYS A 62 -2.01 -4.26 -17.00
N ASN A 63 -0.78 -4.03 -17.47
CA ASN A 63 -0.53 -3.09 -18.58
C ASN A 63 -1.01 -1.68 -18.26
N THR A 64 -0.50 -1.14 -17.15
CA THR A 64 -0.82 0.24 -16.82
C THR A 64 0.28 0.81 -15.95
N LEU A 65 0.49 2.12 -16.09
CA LEU A 65 1.34 2.90 -15.21
C LEU A 65 0.53 3.75 -14.24
N ASN A 66 -0.80 3.71 -14.32
CA ASN A 66 -1.68 4.50 -13.44
C ASN A 66 -2.86 3.64 -13.02
N PRO A 67 -2.61 2.61 -12.21
CA PRO A 67 -3.68 1.69 -11.84
C PRO A 67 -4.63 2.31 -10.82
N VAL A 68 -5.91 2.01 -11.00
CA VAL A 68 -6.94 2.44 -10.05
C VAL A 68 -7.52 1.18 -9.42
N PHE A 69 -7.26 0.99 -8.13
CA PHE A 69 -7.66 -0.20 -7.39
C PHE A 69 -9.00 -0.01 -6.68
N ASN A 70 -9.11 1.03 -5.87
CA ASN A 70 -10.27 1.23 -5.01
C ASN A 70 -10.59 -0.04 -4.22
N GLU A 71 -9.56 -0.58 -3.57
CA GLU A 71 -9.69 -1.81 -2.78
C GLU A 71 -9.46 -1.50 -1.31
N GLN A 72 -10.14 -2.25 -0.44
CA GLN A 72 -10.09 -2.02 0.99
C GLN A 72 -9.61 -3.27 1.71
N PHE A 73 -8.81 -3.07 2.75
CA PHE A 73 -8.26 -4.16 3.55
C PHE A 73 -8.45 -3.85 5.02
N THR A 74 -8.66 -4.90 5.81
CA THR A 74 -8.95 -4.75 7.23
C THR A 74 -7.93 -5.51 8.06
N PHE A 75 -7.52 -4.90 9.17
CA PHE A 75 -6.64 -5.52 10.15
C PHE A 75 -7.29 -5.45 11.52
N LYS A 76 -7.57 -6.61 12.12
CA LYS A 76 -8.10 -6.62 13.47
C LYS A 76 -7.03 -6.18 14.44
N VAL A 77 -7.15 -4.96 14.96
CA VAL A 77 -6.20 -4.40 15.92
C VAL A 77 -6.98 -3.59 16.95
N PRO A 78 -6.79 -3.80 18.25
CA PRO A 78 -7.46 -2.94 19.23
C PRO A 78 -7.02 -1.49 19.06
N TYR A 79 -7.99 -0.58 19.16
CA TYR A 79 -7.70 0.85 19.01
C TYR A 79 -6.49 1.25 19.85
N SER A 80 -6.44 0.75 21.10
CA SER A 80 -5.35 1.06 22.02
C SER A 80 -3.98 0.77 21.43
N GLU A 81 -3.90 -0.23 20.56
CA GLU A 81 -2.62 -0.73 20.08
C GLU A 81 -2.28 -0.23 18.68
N LEU A 82 -3.00 0.77 18.18
CA LEU A 82 -2.71 1.27 16.83
C LEU A 82 -1.39 2.03 16.78
N GLY A 83 -1.04 2.74 17.85
CA GLY A 83 0.09 3.64 17.79
C GLY A 83 1.43 2.94 17.63
N GLY A 84 1.58 1.75 18.19
CA GLY A 84 2.82 1.01 18.04
C GLY A 84 3.07 0.48 16.65
N LYS A 85 2.09 0.60 15.75
CA LYS A 85 2.18 -0.05 14.46
C LYS A 85 2.80 0.86 13.41
N THR A 86 3.32 0.23 12.36
CA THR A 86 3.74 0.90 11.14
C THR A 86 3.17 0.12 9.95
N LEU A 87 2.67 0.83 8.96
CA LEU A 87 2.21 0.21 7.72
C LEU A 87 3.31 0.31 6.68
N VAL A 88 3.51 -0.76 5.93
CA VAL A 88 4.43 -0.76 4.79
C VAL A 88 3.59 -1.02 3.54
N MET A 89 3.77 -0.19 2.53
CA MET A 89 3.06 -0.37 1.27
C MET A 89 4.06 -0.43 0.14
N ALA A 90 4.05 -1.54 -0.61
CA ALA A 90 5.02 -1.81 -1.66
C ALA A 90 4.27 -2.13 -2.96
N VAL A 91 4.68 -1.49 -4.04
CA VAL A 91 4.15 -1.73 -5.37
C VAL A 91 5.14 -2.62 -6.12
N TYR A 92 4.61 -3.76 -6.59
CA TYR A 92 5.30 -4.82 -7.29
C TYR A 92 4.86 -4.87 -8.74
N ASP A 93 5.79 -5.30 -9.61
CA ASP A 93 5.51 -5.56 -11.02
C ASP A 93 5.35 -7.06 -11.22
N PHE A 94 4.12 -7.49 -11.46
CA PHE A 94 3.87 -8.90 -11.74
C PHE A 94 4.61 -9.33 -13.00
N ASP A 95 5.16 -10.55 -12.96
CA ASP A 95 5.73 -11.19 -14.13
C ASP A 95 5.32 -12.65 -14.13
N ARG A 96 5.10 -13.21 -15.31
CA ARG A 96 4.59 -14.58 -15.40
C ARG A 96 5.64 -15.59 -14.95
N PHE A 97 6.91 -15.38 -15.30
CA PHE A 97 7.94 -16.40 -15.12
C PHE A 97 9.08 -15.98 -14.21
N SER A 98 9.37 -14.69 -14.09
CA SER A 98 10.49 -14.21 -13.31
C SER A 98 10.00 -13.71 -11.95
N LYS A 99 10.94 -13.29 -11.12
CA LYS A 99 10.61 -12.64 -9.86
C LYS A 99 9.73 -11.42 -10.12
N HIS A 100 8.85 -11.15 -9.18
CA HIS A 100 8.08 -9.91 -9.20
C HIS A 100 8.94 -8.82 -8.57
N ASP A 101 9.49 -7.94 -9.40
CA ASP A 101 10.34 -6.87 -8.90
C ASP A 101 9.51 -5.84 -8.17
N ILE A 102 10.08 -5.29 -7.10
CA ILE A 102 9.43 -4.22 -6.36
C ILE A 102 9.71 -2.91 -7.12
N ILE A 103 8.64 -2.25 -7.54
CA ILE A 103 8.77 -0.92 -8.13
C ILE A 103 9.19 0.07 -7.06
N GLY A 104 8.48 0.07 -5.94
CA GLY A 104 8.84 1.01 -4.89
C GLY A 104 7.96 0.80 -3.67
N GLU A 105 8.33 1.47 -2.58
CA GLU A 105 7.63 1.27 -1.32
C GLU A 105 7.69 2.53 -0.47
N PHE A 106 6.89 2.53 0.61
CA PHE A 106 7.03 3.54 1.65
C PHE A 106 6.41 3.01 2.94
N LYS A 107 6.76 3.66 4.04
CA LYS A 107 6.30 3.28 5.37
C LYS A 107 5.58 4.44 6.02
N VAL A 108 4.55 4.09 6.79
CA VAL A 108 3.66 5.05 7.46
C VAL A 108 3.59 4.67 8.94
N PRO A 109 4.33 5.35 9.82
CA PRO A 109 4.12 5.12 11.25
C PRO A 109 2.74 5.61 11.67
N MET A 110 2.11 4.87 12.56
CA MET A 110 0.76 5.19 13.00
C MET A 110 0.72 5.93 14.33
N ASN A 111 1.87 6.15 14.98
CA ASN A 111 1.84 6.79 16.29
C ASN A 111 1.50 8.27 16.23
N THR A 112 1.52 8.87 15.05
CA THR A 112 1.19 10.28 14.89
C THR A 112 -0.21 10.49 14.32
N VAL A 113 -0.99 9.42 14.17
CA VAL A 113 -2.26 9.47 13.44
C VAL A 113 -3.42 9.53 14.43
N ASP A 114 -4.30 10.49 14.23
CA ASP A 114 -5.55 10.60 14.99
C ASP A 114 -6.61 9.85 14.20
N PHE A 115 -7.13 8.77 14.77
CA PHE A 115 -8.07 7.92 14.05
C PHE A 115 -9.53 8.33 14.29
N GLY A 116 -9.77 9.50 14.87
CA GLY A 116 -11.06 10.14 14.73
C GLY A 116 -11.30 10.71 13.35
N HIS A 117 -10.29 10.67 12.48
CA HIS A 117 -10.39 11.21 11.13
C HIS A 117 -10.14 10.10 10.10
N VAL A 118 -10.62 10.33 8.89
CA VAL A 118 -10.19 9.57 7.73
C VAL A 118 -8.99 10.29 7.12
N THR A 119 -7.85 9.62 7.06
CA THR A 119 -6.66 10.20 6.46
C THR A 119 -6.53 9.69 5.03
N GLU A 120 -6.23 10.58 4.10
CA GLU A 120 -6.05 10.23 2.71
C GLU A 120 -4.86 11.01 2.18
N GLU A 121 -3.90 10.32 1.56
CA GLU A 121 -2.77 11.06 1.04
C GLU A 121 -2.12 10.30 -0.11
N TRP A 122 -1.37 11.09 -0.89
CA TRP A 122 -0.42 10.58 -1.87
C TRP A 122 0.96 10.50 -1.23
N ARG A 123 1.69 9.43 -1.52
CA ARG A 123 3.07 9.27 -1.08
C ARG A 123 3.91 8.80 -2.24
N ASP A 124 5.07 9.43 -2.42
CA ASP A 124 5.99 9.00 -3.47
C ASP A 124 6.64 7.67 -3.08
N LEU A 125 6.75 6.78 -4.06
CA LEU A 125 7.41 5.51 -3.83
C LEU A 125 8.92 5.70 -3.73
N GLN A 126 9.53 4.93 -2.84
CA GLN A 126 10.97 4.90 -2.63
C GLN A 126 11.51 3.56 -3.09
N SER A 127 12.77 3.57 -3.54
CA SER A 127 13.41 2.31 -3.88
C SER A 127 13.44 1.40 -2.66
N ALA A 128 13.22 0.11 -2.88
CA ALA A 128 13.30 -0.87 -1.81
C ALA A 128 14.76 -1.31 -1.61
#